data_7CFQ
#
_entry.id   7CFQ
#
_cell.length_a   78.356
_cell.length_b   98.377
_cell.length_c   80.338
_cell.angle_alpha   90.000
_cell.angle_beta   90.000
_cell.angle_gamma   90.000
#
_symmetry.space_group_name_H-M   'C 2 2 21'
#
loop_
_entity.id
_entity.type
_entity.pdbx_description
1 polymer 'WD repeat-containing protein 5'
2 polymer 'H3K4me3Q5ser peptide'
3 non-polymer GLYCEROL
4 non-polymer 1,2-ETHANEDIOL
5 non-polymer SEROTONIN
6 water water
#
loop_
_entity_poly.entity_id
_entity_poly.type
_entity_poly.pdbx_seq_one_letter_code
_entity_poly.pdbx_strand_id
1 'polypeptide(L)'
;MATEEKKPETEAARAQPTPSSSATQSKPTPVKPNYALKFTLAGHTKAVSSVKFSPNGEWLASSSADKLIKIWGAYDGKFE
KTISGHKLGISDVAWSSDSNLLVSASDDKTLKIWDVSSGKCLKTLKGHSNYVFCCNFNPQSNLIVSGSFDESVRIWDVKT
GKCLKTLPAHSDPVSAVHFNRDGSLIVSSSYDGLCRIWDTASGQCLKTLIDDDNPPVSFVKFSPNGKYILAATLDNTLKL
WDYSKGKCLKTYTGHKNEKYCIFANFSVTGGKWIVSGSEDNLVYIWNLQTKEIVQKLQGHTDVVISTACHPTENIIASAA
LENDKTIKLWKSDC
;
A
2 'polypeptide(L)' ARTKETARKSTGGK B
#
loop_
_chem_comp.id
_chem_comp.type
_chem_comp.name
_chem_comp.formula
EDO non-polymer 1,2-ETHANEDIOL 'C2 H6 O2'
GOL non-polymer GLYCEROL 'C3 H8 O3'
SRO non-polymer SEROTONIN 'C10 H12 N2 O'
#
# COMPACT_ATOMS: atom_id res chain seq x y z
N VAL A 31 20.59 -4.35 -18.04
CA VAL A 31 20.60 -5.33 -16.91
C VAL A 31 19.16 -5.59 -16.43
N LYS A 32 18.88 -6.83 -16.07
CA LYS A 32 17.57 -7.30 -15.57
C LYS A 32 17.79 -8.05 -14.26
N PRO A 33 16.81 -8.06 -13.34
CA PRO A 33 16.93 -8.82 -12.11
C PRO A 33 16.71 -10.32 -12.36
N ASN A 34 17.01 -11.14 -11.37
CA ASN A 34 16.78 -12.61 -11.44
C ASN A 34 16.03 -13.07 -10.20
N TYR A 35 14.90 -12.43 -9.89
CA TYR A 35 14.06 -12.84 -8.74
C TYR A 35 13.68 -14.31 -8.90
N ALA A 36 13.99 -15.09 -7.86
CA ALA A 36 13.63 -16.53 -7.75
C ALA A 36 12.85 -16.76 -6.46
N LEU A 37 11.86 -17.63 -6.53
CA LEU A 37 11.02 -17.99 -5.35
C LEU A 37 11.89 -18.66 -4.28
N LYS A 38 11.86 -18.13 -3.06
CA LYS A 38 12.63 -18.71 -1.92
C LYS A 38 11.70 -19.33 -0.88
N PHE A 39 10.59 -18.68 -0.55
CA PHE A 39 9.67 -19.14 0.50
C PHE A 39 8.24 -18.84 0.09
N THR A 40 7.34 -19.73 0.48
CA THR A 40 5.89 -19.52 0.43
C THR A 40 5.36 -19.60 1.87
N LEU A 41 4.58 -18.60 2.24
CA LEU A 41 4.11 -18.34 3.62
C LEU A 41 2.62 -18.61 3.66
N ALA A 42 2.21 -19.71 4.30
CA ALA A 42 0.79 -20.08 4.48
C ALA A 42 0.39 -19.79 5.92
N GLY A 43 -0.81 -19.29 6.11
CA GLY A 43 -1.34 -19.11 7.48
C GLY A 43 -2.63 -18.33 7.47
N HIS A 44 -2.78 -17.35 6.59
CA HIS A 44 -4.05 -16.61 6.53
C HIS A 44 -5.15 -17.57 6.07
N THR A 45 -6.36 -17.40 6.59
CA THR A 45 -7.49 -18.30 6.24
C THR A 45 -8.41 -17.68 5.20
N LYS A 46 -8.09 -16.46 4.77
CA LYS A 46 -8.79 -15.80 3.65
C LYS A 46 -7.74 -15.06 2.82
N ALA A 47 -8.20 -14.45 1.74
CA ALA A 47 -7.39 -13.59 0.85
C ALA A 47 -6.50 -12.69 1.71
N VAL A 48 -5.27 -12.51 1.27
CA VAL A 48 -4.31 -11.57 1.90
C VAL A 48 -4.56 -10.21 1.24
N SER A 49 -4.57 -9.12 2.01
CA SER A 49 -4.91 -7.78 1.50
C SER A 49 -3.67 -6.92 1.31
N SER A 50 -2.65 -7.05 2.15
CA SER A 50 -1.48 -6.13 2.12
CA SER A 50 -1.46 -6.19 2.04
C SER A 50 -0.27 -6.83 2.75
N VAL A 51 0.92 -6.60 2.22
CA VAL A 51 2.20 -6.99 2.87
C VAL A 51 3.12 -5.79 2.90
N LYS A 52 3.87 -5.64 4.00
CA LYS A 52 4.79 -4.48 4.17
C LYS A 52 6.00 -4.96 4.95
N PHE A 53 7.20 -4.61 4.48
CA PHE A 53 8.44 -4.89 5.24
C PHE A 53 8.64 -3.81 6.28
N SER A 54 9.08 -4.19 7.48
CA SER A 54 9.47 -3.20 8.51
C SER A 54 10.65 -2.37 8.02
N PRO A 55 10.68 -1.04 8.33
CA PRO A 55 11.80 -0.19 7.93
C PRO A 55 13.17 -0.73 8.37
N ASN A 56 13.24 -1.50 9.46
CA ASN A 56 14.54 -2.03 9.97
C ASN A 56 14.91 -3.34 9.25
N GLY A 57 14.06 -3.82 8.33
CA GLY A 57 14.35 -4.99 7.47
C GLY A 57 14.12 -6.33 8.15
N GLU A 58 13.72 -6.35 9.43
CA GLU A 58 13.65 -7.62 10.19
C GLU A 58 12.37 -8.40 9.87
N TRP A 59 11.27 -7.71 9.58
CA TRP A 59 9.92 -8.33 9.59
C TRP A 59 9.15 -8.02 8.33
N LEU A 60 8.23 -8.92 8.02
CA LEU A 60 7.10 -8.67 7.10
C LEU A 60 5.81 -8.70 7.92
N ALA A 61 4.94 -7.72 7.72
CA ALA A 61 3.57 -7.71 8.27
C ALA A 61 2.62 -8.00 7.11
N SER A 62 1.62 -8.83 7.36
CA SER A 62 0.55 -9.10 6.38
C SER A 62 -0.80 -8.86 7.05
N SER A 63 -1.75 -8.34 6.27
CA SER A 63 -3.17 -8.20 6.70
C SER A 63 -4.04 -9.02 5.77
N SER A 64 -5.23 -9.39 6.25
CA SER A 64 -6.13 -10.30 5.52
C SER A 64 -7.59 -9.98 5.76
N ALA A 65 -8.41 -10.39 4.82
CA ALA A 65 -9.86 -10.49 4.99
C ALA A 65 -10.23 -11.41 6.17
N ASP A 66 -9.30 -12.21 6.71
CA ASP A 66 -9.57 -13.08 7.88
C ASP A 66 -9.55 -12.28 9.21
N LYS A 67 -9.38 -10.96 9.15
CA LYS A 67 -9.43 -10.03 10.31
C LYS A 67 -8.11 -10.06 11.07
N LEU A 68 -7.08 -10.71 10.55
CA LEU A 68 -5.82 -10.89 11.30
C LEU A 68 -4.67 -10.16 10.62
N ILE A 69 -3.70 -9.81 11.44
CA ILE A 69 -2.34 -9.36 11.05
C ILE A 69 -1.39 -10.49 11.41
N LYS A 70 -0.50 -10.86 10.49
CA LYS A 70 0.57 -11.83 10.81
C LYS A 70 1.93 -11.18 10.60
N ILE A 71 2.87 -11.59 11.44
CA ILE A 71 4.28 -11.13 11.41
C ILE A 71 5.14 -12.32 11.00
N TRP A 72 6.04 -12.10 10.06
CA TRP A 72 6.92 -13.15 9.51
C TRP A 72 8.34 -12.63 9.47
N GLY A 73 9.33 -13.51 9.63
CA GLY A 73 10.72 -13.15 9.38
C GLY A 73 10.94 -12.71 7.96
N ALA A 74 11.58 -11.57 7.75
CA ALA A 74 11.73 -10.96 6.41
C ALA A 74 12.68 -11.80 5.55
N TYR A 75 13.66 -12.48 6.16
CA TYR A 75 14.74 -13.19 5.41
C TYR A 75 14.42 -14.68 5.22
N ASP A 76 13.78 -15.34 6.19
CA ASP A 76 13.51 -16.80 6.15
C ASP A 76 12.00 -17.09 6.00
N GLY A 77 11.16 -16.07 6.06
CA GLY A 77 9.70 -16.24 5.97
C GLY A 77 9.11 -16.95 7.18
N LYS A 78 9.88 -17.06 8.27
CA LYS A 78 9.46 -17.86 9.44
C LYS A 78 8.31 -17.14 10.15
N PHE A 79 7.19 -17.83 10.33
CA PHE A 79 6.01 -17.26 11.04
C PHE A 79 6.45 -16.82 12.44
N GLU A 80 6.13 -15.59 12.83
CA GLU A 80 6.47 -15.04 14.16
C GLU A 80 5.21 -15.03 15.04
N LYS A 81 4.15 -14.31 14.67
CA LYS A 81 2.94 -14.34 15.50
C LYS A 81 1.76 -13.67 14.81
N THR A 82 0.59 -13.84 15.40
CA THR A 82 -0.70 -13.30 14.90
C THR A 82 -1.15 -12.20 15.84
N ILE A 83 -1.59 -11.08 15.27
CA ILE A 83 -2.14 -9.92 16.00
C ILE A 83 -3.60 -9.80 15.60
N SER A 84 -4.49 -9.84 16.59
CA SER A 84 -5.93 -9.90 16.30
C SER A 84 -6.68 -8.87 17.14
N GLY A 85 -7.90 -8.56 16.68
CA GLY A 85 -8.77 -7.64 17.41
C GLY A 85 -9.78 -6.93 16.53
N HIS A 86 -9.51 -6.78 15.24
CA HIS A 86 -10.51 -6.19 14.30
C HIS A 86 -11.73 -7.10 14.25
N LYS A 87 -12.91 -6.51 14.06
CA LYS A 87 -14.18 -7.26 14.00
C LYS A 87 -14.52 -7.70 12.57
N LEU A 88 -13.88 -7.12 11.57
CA LEU A 88 -14.13 -7.43 10.15
C LEU A 88 -12.80 -7.37 9.40
N GLY A 89 -12.84 -7.69 8.12
CA GLY A 89 -11.65 -7.85 7.29
C GLY A 89 -10.78 -6.59 7.29
N ILE A 90 -9.49 -6.78 7.11
CA ILE A 90 -8.50 -5.67 7.08
C ILE A 90 -8.06 -5.45 5.63
N SER A 91 -8.02 -4.20 5.20
CA SER A 91 -7.61 -3.85 3.80
C SER A 91 -6.17 -3.37 3.74
N ASP A 92 -5.59 -2.91 4.83
CA ASP A 92 -4.22 -2.34 4.78
C ASP A 92 -3.58 -2.38 6.17
N VAL A 93 -2.26 -2.44 6.20
CA VAL A 93 -1.44 -2.37 7.43
C VAL A 93 -0.20 -1.57 7.06
N ALA A 94 0.37 -0.84 8.00
CA ALA A 94 1.55 0.00 7.74
C ALA A 94 2.38 0.10 9.01
N TRP A 95 3.69 0.12 8.83
CA TRP A 95 4.69 0.26 9.91
C TRP A 95 4.97 1.71 10.26
N SER A 96 5.23 1.93 11.54
CA SER A 96 5.87 3.18 12.03
C SER A 96 7.34 3.18 11.60
N SER A 97 7.96 4.35 11.53
CA SER A 97 9.32 4.43 10.95
C SER A 97 10.36 3.74 11.86
N ASP A 98 10.09 3.55 13.14
CA ASP A 98 11.01 2.85 14.07
C ASP A 98 10.71 1.34 14.14
N SER A 99 9.79 0.84 13.31
CA SER A 99 9.45 -0.60 13.23
C SER A 99 8.80 -1.10 14.52
N ASN A 100 8.33 -0.20 15.41
CA ASN A 100 7.74 -0.62 16.72
C ASN A 100 6.22 -0.74 16.62
N LEU A 101 5.57 0.02 15.73
CA LEU A 101 4.09 0.08 15.67
C LEU A 101 3.61 -0.33 14.30
N LEU A 102 2.38 -0.83 14.27
CA LEU A 102 1.60 -1.02 13.03
C LEU A 102 0.32 -0.20 13.15
N VAL A 103 -0.19 0.25 12.03
CA VAL A 103 -1.58 0.75 11.97
C VAL A 103 -2.31 -0.10 10.92
N SER A 104 -3.55 -0.48 11.22
CA SER A 104 -4.38 -1.29 10.30
C SER A 104 -5.70 -0.57 10.02
N ALA A 105 -6.24 -0.79 8.82
CA ALA A 105 -7.48 -0.17 8.32
C ALA A 105 -8.48 -1.30 8.03
N SER A 106 -9.69 -1.24 8.61
CA SER A 106 -10.65 -2.37 8.56
C SER A 106 -12.04 -1.94 8.05
N ASP A 107 -12.76 -2.92 7.54
CA ASP A 107 -14.19 -2.78 7.20
C ASP A 107 -15.00 -2.53 8.48
N ASP A 108 -14.47 -2.78 9.69
CA ASP A 108 -15.19 -2.47 10.96
C ASP A 108 -15.21 -0.95 11.20
N LYS A 109 -14.66 -0.16 10.27
CA LYS A 109 -14.71 1.33 10.22
C LYS A 109 -13.74 1.94 11.21
N THR A 110 -12.82 1.14 11.73
CA THR A 110 -11.76 1.61 12.63
C THR A 110 -10.40 1.45 11.97
N LEU A 111 -9.47 2.20 12.51
CA LEU A 111 -8.05 1.81 12.45
C LEU A 111 -7.63 1.35 13.83
N LYS A 112 -6.62 0.51 13.89
CA LYS A 112 -6.01 0.13 15.19
C LYS A 112 -4.51 0.40 15.12
N ILE A 113 -3.98 0.96 16.21
CA ILE A 113 -2.52 1.13 16.42
C ILE A 113 -2.07 -0.01 17.33
N TRP A 114 -1.06 -0.74 16.88
CA TRP A 114 -0.56 -1.95 17.55
C TRP A 114 0.88 -1.74 17.99
N ASP A 115 1.19 -2.14 19.22
CA ASP A 115 2.60 -2.34 19.62
C ASP A 115 3.02 -3.73 19.17
N VAL A 116 3.89 -3.83 18.17
CA VAL A 116 4.22 -5.12 17.54
C VAL A 116 4.85 -6.07 18.57
N SER A 117 5.77 -5.58 19.40
CA SER A 117 6.48 -6.48 20.35
C SER A 117 5.51 -7.11 21.35
N SER A 118 4.54 -6.35 21.85
CA SER A 118 3.61 -6.84 22.91
C SER A 118 2.33 -7.44 22.30
N GLY A 119 2.02 -7.09 21.05
CA GLY A 119 0.74 -7.45 20.40
C GLY A 119 -0.42 -6.59 20.86
N LYS A 120 -0.18 -5.61 21.74
CA LYS A 120 -1.27 -4.82 22.36
C LYS A 120 -1.88 -3.86 21.34
N CYS A 121 -3.20 -3.74 21.34
CA CYS A 121 -3.90 -2.66 20.62
C CYS A 121 -3.79 -1.39 21.47
N LEU A 122 -2.95 -0.44 21.05
CA LEU A 122 -2.72 0.79 21.86
C LEU A 122 -3.93 1.71 21.76
N LYS A 123 -4.51 1.81 20.57
CA LYS A 123 -5.59 2.78 20.29
C LYS A 123 -6.47 2.21 19.19
N THR A 124 -7.77 2.46 19.29
CA THR A 124 -8.74 2.22 18.20
C THR A 124 -9.21 3.59 17.74
N LEU A 125 -9.00 3.88 16.47
CA LEU A 125 -9.27 5.20 15.87
C LEU A 125 -10.66 5.17 15.25
N LYS A 126 -11.60 5.89 15.88
CA LYS A 126 -13.02 5.86 15.47
C LYS A 126 -13.41 7.25 14.98
N GLY A 127 -14.09 7.29 13.84
CA GLY A 127 -14.51 8.56 13.22
C GLY A 127 -14.98 8.37 11.81
N HIS A 128 -14.36 7.47 11.04
CA HIS A 128 -14.86 7.20 9.67
C HIS A 128 -16.29 6.66 9.76
N SER A 129 -17.12 6.96 8.79
CA SER A 129 -18.53 6.52 8.77
C SER A 129 -18.73 5.33 7.83
N ASN A 130 -17.66 4.80 7.25
CA ASN A 130 -17.71 3.64 6.36
C ASN A 130 -16.36 2.93 6.42
N TYR A 131 -16.22 1.83 5.70
CA TYR A 131 -15.01 1.00 5.70
C TYR A 131 -13.76 1.89 5.61
N VAL A 132 -12.72 1.55 6.38
CA VAL A 132 -11.39 2.18 6.22
C VAL A 132 -10.55 1.29 5.30
N PHE A 133 -9.96 1.87 4.26
CA PHE A 133 -9.38 1.09 3.14
C PHE A 133 -7.86 1.17 3.15
N CYS A 134 -7.32 2.27 3.63
CA CYS A 134 -5.88 2.57 3.41
C CYS A 134 -5.36 3.40 4.58
N CYS A 135 -4.08 3.25 4.88
CA CYS A 135 -3.49 3.93 6.05
C CYS A 135 -1.97 4.05 5.91
N ASN A 136 -1.42 5.04 6.62
CA ASN A 136 0.05 5.23 6.68
C ASN A 136 0.36 6.13 7.86
N PHE A 137 1.52 5.91 8.47
CA PHE A 137 2.14 6.89 9.38
C PHE A 137 2.84 7.97 8.56
N ASN A 138 3.04 9.12 9.17
CA ASN A 138 3.95 10.14 8.60
C ASN A 138 5.36 9.70 8.96
N PRO A 139 6.38 10.26 8.26
CA PRO A 139 7.78 9.98 8.56
C PRO A 139 8.17 10.03 10.05
N GLN A 140 7.66 11.00 10.82
CA GLN A 140 7.98 11.12 12.28
C GLN A 140 6.91 10.42 13.13
N SER A 141 6.08 9.60 12.47
CA SER A 141 5.20 8.58 13.10
C SER A 141 4.43 9.15 14.31
N ASN A 142 4.17 10.47 14.35
CA ASN A 142 3.27 11.12 15.34
C ASN A 142 1.85 11.28 14.78
N LEU A 143 1.69 11.10 13.46
CA LEU A 143 0.38 11.17 12.78
C LEU A 143 0.15 9.89 11.98
N ILE A 144 -1.12 9.59 11.81
CA ILE A 144 -1.61 8.57 10.86
C ILE A 144 -2.55 9.28 9.90
N VAL A 145 -2.48 8.87 8.63
CA VAL A 145 -3.47 9.30 7.62
C VAL A 145 -4.25 8.06 7.20
N SER A 146 -5.54 8.24 6.96
CA SER A 146 -6.46 7.14 6.59
C SER A 146 -7.37 7.59 5.46
N GLY A 147 -7.78 6.64 4.62
CA GLY A 147 -8.80 6.87 3.59
C GLY A 147 -9.91 5.87 3.72
N SER A 148 -11.12 6.26 3.34
CA SER A 148 -12.34 5.47 3.62
C SER A 148 -13.31 5.47 2.45
N PHE A 149 -14.18 4.49 2.48
CA PHE A 149 -15.36 4.43 1.60
C PHE A 149 -16.31 5.59 1.88
N ASP A 150 -16.14 6.28 3.01
CA ASP A 150 -16.92 7.51 3.33
C ASP A 150 -16.42 8.72 2.53
N GLU A 151 -15.42 8.55 1.66
CA GLU A 151 -14.94 9.58 0.69
C GLU A 151 -14.06 10.62 1.37
N SER A 152 -13.70 10.41 2.64
CA SER A 152 -12.83 11.34 3.40
C SER A 152 -11.44 10.77 3.59
N VAL A 153 -10.53 11.70 3.83
CA VAL A 153 -9.15 11.46 4.33
C VAL A 153 -9.14 12.00 5.75
N ARG A 154 -8.63 11.23 6.71
CA ARG A 154 -8.55 11.69 8.12
CA ARG A 154 -8.53 11.74 8.10
C ARG A 154 -7.10 11.67 8.59
N ILE A 155 -6.77 12.61 9.47
CA ILE A 155 -5.43 12.73 10.07
C ILE A 155 -5.62 12.55 11.57
N TRP A 156 -4.88 11.62 12.15
CA TRP A 156 -5.05 11.19 13.55
C TRP A 156 -3.75 11.42 14.31
N ASP A 157 -3.90 11.77 15.59
CA ASP A 157 -2.75 11.87 16.51
C ASP A 157 -2.44 10.47 17.03
N VAL A 158 -1.22 9.99 16.83
CA VAL A 158 -0.80 8.61 17.23
C VAL A 158 -0.88 8.49 18.76
N LYS A 159 -0.40 9.48 19.50
CA LYS A 159 -0.27 9.36 20.97
C LYS A 159 -1.65 9.29 21.63
N THR A 160 -2.60 10.14 21.22
CA THR A 160 -3.94 10.24 21.85
C THR A 160 -4.96 9.35 21.13
N GLY A 161 -4.69 8.98 19.87
CA GLY A 161 -5.64 8.19 19.07
C GLY A 161 -6.84 9.01 18.62
N LYS A 162 -6.76 10.34 18.67
CA LYS A 162 -7.93 11.20 18.35
C LYS A 162 -7.79 11.74 16.92
N CYS A 163 -8.92 11.95 16.26
CA CYS A 163 -8.98 12.53 14.90
C CYS A 163 -8.71 14.03 15.00
N LEU A 164 -7.68 14.51 14.30
CA LEU A 164 -7.27 15.94 14.29
C LEU A 164 -7.99 16.68 13.16
N LYS A 165 -8.10 16.06 11.99
CA LYS A 165 -8.74 16.73 10.82
C LYS A 165 -9.50 15.70 9.98
N THR A 166 -10.63 16.12 9.43
CA THR A 166 -11.36 15.36 8.39
C THR A 166 -11.36 16.19 7.11
N LEU A 167 -10.76 15.66 6.06
CA LEU A 167 -10.72 16.33 4.74
C LEU A 167 -11.83 15.76 3.87
N PRO A 168 -12.74 16.61 3.35
CA PRO A 168 -13.78 16.17 2.42
C PRO A 168 -13.15 15.98 1.03
N ALA A 169 -12.37 14.93 0.90
CA ALA A 169 -11.29 14.83 -0.09
C ALA A 169 -11.81 14.47 -1.48
N HIS A 170 -12.78 13.58 -1.56
CA HIS A 170 -13.16 12.90 -2.83
C HIS A 170 -14.68 12.74 -2.91
N SER A 171 -15.17 12.30 -4.07
CA SER A 171 -16.60 12.04 -4.30
C SER A 171 -16.85 10.55 -4.52
N ASP A 172 -15.93 9.71 -4.07
CA ASP A 172 -16.00 8.24 -4.17
C ASP A 172 -14.96 7.71 -3.20
N PRO A 173 -14.98 6.39 -2.93
CA PRO A 173 -14.05 5.81 -1.97
C PRO A 173 -12.60 6.20 -2.25
N VAL A 174 -11.87 6.39 -1.16
CA VAL A 174 -10.42 6.75 -1.16
C VAL A 174 -9.63 5.45 -1.12
N SER A 175 -8.84 5.20 -2.16
CA SER A 175 -8.14 3.91 -2.36
C SER A 175 -6.76 3.92 -1.72
N ALA A 176 -6.09 5.06 -1.58
CA ALA A 176 -4.73 5.12 -1.01
C ALA A 176 -4.46 6.50 -0.45
N VAL A 177 -3.61 6.53 0.58
CA VAL A 177 -3.14 7.77 1.25
C VAL A 177 -1.67 7.57 1.61
N HIS A 178 -0.86 8.62 1.46
CA HIS A 178 0.59 8.53 1.71
C HIS A 178 1.13 9.91 2.05
N PHE A 179 2.00 9.99 3.04
CA PHE A 179 2.75 11.24 3.33
C PHE A 179 3.97 11.33 2.43
N ASN A 180 4.37 12.56 2.10
CA ASN A 180 5.65 12.80 1.38
C ASN A 180 6.82 12.72 2.36
N ARG A 181 8.02 13.04 1.87
CA ARG A 181 9.29 12.67 2.53
C ARG A 181 9.41 13.38 3.88
N ASP A 182 8.95 14.63 3.98
CA ASP A 182 9.05 15.42 5.25
C ASP A 182 7.68 15.48 5.96
N GLY A 183 6.64 14.82 5.43
CA GLY A 183 5.32 14.78 6.07
C GLY A 183 4.48 16.05 5.88
N SER A 184 4.96 17.05 5.14
CA SER A 184 4.21 18.30 4.96
C SER A 184 3.02 18.11 4.02
N LEU A 185 3.05 17.07 3.18
CA LEU A 185 1.99 16.82 2.17
C LEU A 185 1.43 15.41 2.34
N ILE A 186 0.19 15.25 1.94
CA ILE A 186 -0.51 13.95 1.80
C ILE A 186 -0.94 13.83 0.34
N VAL A 187 -0.75 12.65 -0.23
CA VAL A 187 -1.39 12.33 -1.54
C VAL A 187 -2.51 11.34 -1.27
N SER A 188 -3.64 11.54 -1.91
CA SER A 188 -4.80 10.63 -1.87
C SER A 188 -5.21 10.24 -3.28
N SER A 189 -5.78 9.05 -3.43
CA SER A 189 -6.35 8.60 -4.71
C SER A 189 -7.74 8.08 -4.47
N SER A 190 -8.56 8.09 -5.50
CA SER A 190 -9.99 7.75 -5.37
C SER A 190 -10.54 7.13 -6.64
N TYR A 191 -11.58 6.34 -6.42
CA TYR A 191 -12.45 5.81 -7.49
C TYR A 191 -13.06 6.97 -8.31
N ASP A 192 -13.06 8.21 -7.79
CA ASP A 192 -13.59 9.40 -8.52
C ASP A 192 -12.66 9.81 -9.69
N GLY A 193 -11.49 9.18 -9.84
CA GLY A 193 -10.57 9.40 -10.96
C GLY A 193 -9.48 10.40 -10.64
N LEU A 194 -9.45 10.91 -9.42
CA LEU A 194 -8.52 11.99 -9.05
C LEU A 194 -7.45 11.47 -8.10
N CYS A 195 -6.30 12.10 -8.24
CA CYS A 195 -5.24 12.14 -7.20
CA CYS A 195 -5.23 12.14 -7.24
C CYS A 195 -5.21 13.56 -6.64
N ARG A 196 -5.20 13.69 -5.32
CA ARG A 196 -5.13 15.05 -4.73
C ARG A 196 -3.96 15.14 -3.76
N ILE A 197 -3.36 16.32 -3.72
CA ILE A 197 -2.24 16.65 -2.79
C ILE A 197 -2.79 17.62 -1.77
N TRP A 198 -2.60 17.30 -0.48
CA TRP A 198 -3.16 18.07 0.66
C TRP A 198 -2.00 18.63 1.49
N ASP A 199 -2.16 19.85 1.96
CA ASP A 199 -1.27 20.42 3.01
C ASP A 199 -1.64 19.78 4.37
N THR A 200 -0.69 19.09 4.99
CA THR A 200 -0.93 18.34 6.24
C THR A 200 -1.42 19.34 7.30
N ALA A 201 -0.79 20.51 7.37
CA ALA A 201 -1.04 21.49 8.44
C ALA A 201 -2.41 22.16 8.29
N SER A 202 -2.79 22.57 7.08
CA SER A 202 -4.00 23.40 6.83
C SER A 202 -5.18 22.57 6.34
N GLY A 203 -4.91 21.41 5.73
CA GLY A 203 -5.94 20.59 5.08
C GLY A 203 -6.34 21.13 3.72
N GLN A 204 -5.65 22.16 3.20
CA GLN A 204 -6.01 22.78 1.90
C GLN A 204 -5.67 21.80 0.78
N CYS A 205 -6.53 21.71 -0.23
CA CYS A 205 -6.22 20.95 -1.46
C CYS A 205 -5.25 21.79 -2.30
N LEU A 206 -4.01 21.34 -2.49
CA LEU A 206 -2.97 22.09 -3.21
C LEU A 206 -2.90 21.69 -4.68
N LYS A 207 -3.35 20.49 -5.03
CA LYS A 207 -3.29 20.05 -6.44
C LYS A 207 -4.28 18.94 -6.68
N THR A 208 -4.85 18.91 -7.88
CA THR A 208 -5.65 17.78 -8.39
C THR A 208 -4.96 17.30 -9.67
N LEU A 209 -4.65 16.01 -9.74
CA LEU A 209 -3.99 15.39 -10.92
C LEU A 209 -4.90 14.35 -11.54
N ILE A 210 -5.06 14.47 -12.85
CA ILE A 210 -5.81 13.55 -13.72
C ILE A 210 -5.25 13.67 -15.14
N ASP A 211 -5.19 12.56 -15.87
CA ASP A 211 -4.70 12.57 -17.27
C ASP A 211 -5.90 12.62 -18.24
N ASP A 212 -5.70 12.23 -19.50
CA ASP A 212 -6.66 12.51 -20.59
C ASP A 212 -7.91 11.62 -20.51
N ASP A 213 -7.87 10.56 -19.71
CA ASP A 213 -9.05 9.70 -19.40
C ASP A 213 -9.27 9.72 -17.88
N ASN A 214 -10.42 9.23 -17.41
CA ASN A 214 -10.87 9.42 -16.00
C ASN A 214 -11.18 8.07 -15.34
N PRO A 215 -10.32 7.04 -15.50
CA PRO A 215 -10.58 5.77 -14.82
C PRO A 215 -10.41 5.93 -13.32
N PRO A 216 -11.04 5.05 -12.51
CA PRO A 216 -10.77 5.02 -11.07
C PRO A 216 -9.26 4.93 -10.80
N VAL A 217 -8.80 5.69 -9.80
CA VAL A 217 -7.41 5.62 -9.32
C VAL A 217 -7.40 4.67 -8.12
N SER A 218 -6.62 3.59 -8.25
CA SER A 218 -6.67 2.45 -7.32
C SER A 218 -5.50 2.44 -6.34
N PHE A 219 -4.46 3.22 -6.59
CA PHE A 219 -3.28 3.29 -5.70
C PHE A 219 -2.50 4.55 -6.03
N VAL A 220 -1.86 5.12 -5.00
CA VAL A 220 -0.87 6.20 -5.19
C VAL A 220 0.13 6.17 -4.05
N LYS A 221 1.37 6.56 -4.33
CA LYS A 221 2.36 6.87 -3.28
C LYS A 221 3.41 7.81 -3.83
N PHE A 222 4.07 8.51 -2.92
CA PHE A 222 5.27 9.32 -3.26
C PHE A 222 6.46 8.41 -3.49
N SER A 223 7.36 8.85 -4.38
CA SER A 223 8.66 8.20 -4.65
C SER A 223 9.56 8.35 -3.42
N PRO A 224 10.57 7.45 -3.26
CA PRO A 224 11.51 7.53 -2.14
C PRO A 224 12.16 8.92 -2.01
N ASN A 225 12.47 9.58 -3.12
CA ASN A 225 13.10 10.93 -3.08
C ASN A 225 12.05 12.03 -2.91
N GLY A 226 10.75 11.67 -2.93
CA GLY A 226 9.66 12.62 -2.66
C GLY A 226 9.29 13.50 -3.83
N LYS A 227 9.92 13.32 -5.00
CA LYS A 227 9.77 14.23 -6.17
C LYS A 227 8.57 13.81 -7.01
N TYR A 228 8.23 12.51 -6.99
CA TYR A 228 7.23 11.92 -7.91
C TYR A 228 6.10 11.29 -7.11
N ILE A 229 4.96 11.09 -7.75
CA ILE A 229 3.93 10.14 -7.26
C ILE A 229 3.78 9.04 -8.32
N LEU A 230 3.61 7.83 -7.86
CA LEU A 230 3.33 6.65 -8.69
C LEU A 230 1.86 6.31 -8.50
N ALA A 231 1.04 6.37 -9.56
CA ALA A 231 -0.41 6.17 -9.45
C ALA A 231 -0.83 5.00 -10.34
N ALA A 232 -1.68 4.14 -9.79
CA ALA A 232 -2.31 3.04 -10.54
C ALA A 232 -3.73 3.48 -10.90
N THR A 233 -4.15 3.19 -12.14
CA THR A 233 -5.56 3.35 -12.56
C THR A 233 -6.09 2.02 -13.08
N LEU A 234 -7.40 1.83 -12.99
CA LEU A 234 -8.06 0.54 -13.36
C LEU A 234 -8.31 0.48 -14.86
N ASP A 235 -7.33 0.93 -15.62
CA ASP A 235 -7.20 0.71 -17.08
C ASP A 235 -5.81 0.11 -17.33
N ASN A 236 -5.31 -0.76 -16.44
CA ASN A 236 -4.09 -1.57 -16.69
C ASN A 236 -2.86 -0.66 -16.83
N THR A 237 -2.74 0.39 -16.01
CA THR A 237 -1.74 1.46 -16.22
C THR A 237 -1.18 1.94 -14.89
N LEU A 238 0.13 2.05 -14.82
CA LEU A 238 0.82 2.80 -13.75
C LEU A 238 1.47 4.03 -14.38
N LYS A 239 1.47 5.13 -13.63
CA LYS A 239 2.03 6.40 -14.13
C LYS A 239 2.89 7.03 -13.05
N LEU A 240 4.03 7.54 -13.48
CA LEU A 240 4.94 8.34 -12.63
C LEU A 240 4.72 9.80 -12.96
N TRP A 241 4.28 10.57 -11.98
CA TRP A 241 3.97 12.02 -12.13
C TRP A 241 5.03 12.84 -11.42
N ASP A 242 5.46 13.94 -12.03
CA ASP A 242 6.07 15.05 -11.25
C ASP A 242 4.90 15.87 -10.70
N TYR A 243 4.60 15.80 -9.41
CA TYR A 243 3.32 16.34 -8.89
C TYR A 243 3.42 17.86 -8.81
N SER A 244 4.61 18.42 -8.65
CA SER A 244 4.79 19.89 -8.59
C SER A 244 4.63 20.51 -9.99
N LYS A 245 5.13 19.85 -11.05
CA LYS A 245 4.89 20.27 -12.47
C LYS A 245 3.49 19.83 -12.95
N GLY A 246 2.89 18.83 -12.29
CA GLY A 246 1.60 18.25 -12.69
C GLY A 246 1.71 17.50 -14.01
N LYS A 247 2.84 16.85 -14.25
CA LYS A 247 3.15 16.22 -15.55
CA LYS A 247 3.15 16.21 -15.55
C LYS A 247 3.38 14.71 -15.36
N CYS A 248 2.80 13.90 -16.26
CA CYS A 248 3.03 12.45 -16.34
C CYS A 248 4.36 12.22 -17.06
N LEU A 249 5.36 11.67 -16.37
CA LEU A 249 6.72 11.51 -16.92
C LEU A 249 6.91 10.11 -17.50
N LYS A 250 6.27 9.09 -16.93
CA LYS A 250 6.48 7.69 -17.35
C LYS A 250 5.16 6.93 -17.23
N THR A 251 4.93 6.02 -18.17
CA THR A 251 3.77 5.11 -18.16
C THR A 251 4.30 3.67 -18.15
N TYR A 252 3.80 2.83 -17.24
CA TYR A 252 4.16 1.40 -17.17
C TYR A 252 2.92 0.57 -17.50
N THR A 253 3.02 -0.26 -18.53
CA THR A 253 1.91 -1.09 -19.03
C THR A 253 2.42 -2.50 -19.31
N GLY A 254 1.48 -3.42 -19.52
CA GLY A 254 1.79 -4.84 -19.79
C GLY A 254 1.08 -5.77 -18.82
N HIS A 255 0.70 -5.25 -17.65
CA HIS A 255 0.01 -6.03 -16.61
C HIS A 255 -1.49 -5.89 -16.77
N LYS A 256 -2.22 -6.61 -15.93
CA LYS A 256 -3.69 -6.60 -15.94
C LYS A 256 -4.16 -6.00 -14.62
N ASN A 257 -4.87 -4.89 -14.70
CA ASN A 257 -5.42 -4.24 -13.48
C ASN A 257 -6.65 -3.43 -13.87
N GLU A 258 -7.82 -4.07 -13.84
CA GLU A 258 -9.12 -3.43 -14.17
C GLU A 258 -10.10 -3.52 -13.00
N LYS A 259 -9.76 -4.20 -11.91
CA LYS A 259 -10.77 -4.54 -10.87
C LYS A 259 -10.30 -4.16 -9.46
N TYR A 260 -9.11 -4.60 -9.07
CA TYR A 260 -8.67 -4.55 -7.64
C TYR A 260 -7.71 -3.39 -7.39
N CYS A 261 -7.66 -2.97 -6.13
CA CYS A 261 -6.70 -1.93 -5.69
C CYS A 261 -5.38 -2.60 -5.37
N ILE A 262 -4.54 -2.71 -6.39
CA ILE A 262 -3.23 -3.41 -6.35
C ILE A 262 -2.16 -2.39 -6.01
N PHE A 263 -1.32 -2.71 -5.03
CA PHE A 263 -0.21 -1.84 -4.60
C PHE A 263 0.87 -1.82 -5.66
N ALA A 264 1.68 -0.77 -5.67
CA ALA A 264 2.87 -0.71 -6.54
C ALA A 264 4.02 -0.13 -5.74
N ASN A 265 5.25 -0.47 -6.14
CA ASN A 265 6.46 -0.18 -5.35
C ASN A 265 7.54 0.40 -6.23
N PHE A 266 8.39 1.19 -5.62
CA PHE A 266 9.76 1.49 -6.11
C PHE A 266 10.73 0.50 -5.48
N SER A 267 11.46 -0.26 -6.30
CA SER A 267 12.56 -1.13 -5.84
C SER A 267 13.87 -0.36 -6.02
N VAL A 268 14.64 -0.19 -4.94
CA VAL A 268 15.79 0.76 -4.88
C VAL A 268 17.06 0.08 -4.35
N THR A 269 17.03 -1.19 -3.99
CA THR A 269 18.18 -1.87 -3.34
C THR A 269 19.22 -2.26 -4.39
N GLY A 270 18.77 -2.62 -5.59
CA GLY A 270 19.66 -2.95 -6.72
C GLY A 270 19.35 -2.09 -7.93
N GLY A 271 18.92 -2.69 -9.02
CA GLY A 271 18.40 -1.94 -10.18
C GLY A 271 17.19 -1.12 -9.78
N LYS A 272 16.95 0.01 -10.42
CA LYS A 272 15.79 0.87 -10.10
C LYS A 272 14.56 0.37 -10.87
N TRP A 273 13.67 -0.33 -10.16
CA TRP A 273 12.49 -0.98 -10.79
C TRP A 273 11.20 -0.34 -10.27
N ILE A 274 10.14 -0.58 -11.04
CA ILE A 274 8.74 -0.49 -10.55
C ILE A 274 8.22 -1.93 -10.40
N VAL A 275 7.53 -2.19 -9.31
CA VAL A 275 7.02 -3.55 -9.00
C VAL A 275 5.51 -3.45 -8.76
N SER A 276 4.74 -4.36 -9.33
CA SER A 276 3.28 -4.44 -9.10
C SER A 276 2.78 -5.87 -9.22
N GLY A 277 1.75 -6.18 -8.45
CA GLY A 277 0.90 -7.34 -8.73
C GLY A 277 0.06 -7.12 -9.97
N SER A 278 -0.72 -8.14 -10.32
CA SER A 278 -1.48 -8.19 -11.57
C SER A 278 -2.60 -9.22 -11.44
N GLU A 279 -3.68 -9.00 -12.19
CA GLU A 279 -4.91 -9.84 -12.18
C GLU A 279 -4.70 -11.08 -13.08
N ASP A 280 -3.53 -11.23 -13.71
CA ASP A 280 -3.13 -12.49 -14.37
C ASP A 280 -2.25 -13.33 -13.44
N ASN A 281 -2.22 -13.03 -12.15
CA ASN A 281 -1.59 -13.86 -11.09
C ASN A 281 -0.06 -13.76 -11.12
N LEU A 282 0.49 -12.77 -11.82
CA LEU A 282 1.95 -12.53 -11.91
C LEU A 282 2.36 -11.28 -11.13
N VAL A 283 3.62 -11.25 -10.72
CA VAL A 283 4.31 -10.01 -10.30
C VAL A 283 5.03 -9.45 -11.52
N TYR A 284 4.81 -8.18 -11.83
CA TYR A 284 5.49 -7.47 -12.93
C TYR A 284 6.60 -6.58 -12.37
N ILE A 285 7.75 -6.58 -13.04
CA ILE A 285 8.90 -5.71 -12.71
C ILE A 285 9.28 -4.95 -13.97
N TRP A 286 9.30 -3.62 -13.88
CA TRP A 286 9.66 -2.72 -15.01
C TRP A 286 10.97 -2.01 -14.67
N ASN A 287 11.74 -1.70 -15.70
CA ASN A 287 12.83 -0.71 -15.60
C ASN A 287 12.18 0.67 -15.44
N LEU A 288 12.47 1.39 -14.34
CA LEU A 288 11.81 2.69 -14.05
C LEU A 288 12.08 3.68 -15.19
N GLN A 289 13.34 3.76 -15.65
CA GLN A 289 13.74 4.74 -16.69
C GLN A 289 13.16 4.34 -18.04
N THR A 290 13.36 3.10 -18.49
CA THR A 290 13.05 2.70 -19.89
C THR A 290 11.59 2.28 -20.03
N LYS A 291 10.95 1.88 -18.93
CA LYS A 291 9.53 1.41 -18.88
C LYS A 291 9.37 0.01 -19.51
N GLU A 292 10.47 -0.66 -19.87
CA GLU A 292 10.40 -2.06 -20.38
C GLU A 292 10.12 -3.01 -19.20
N ILE A 293 9.32 -4.04 -19.44
CA ILE A 293 9.20 -5.18 -18.48
C ILE A 293 10.55 -5.89 -18.45
N VAL A 294 11.09 -6.13 -17.25
CA VAL A 294 12.40 -6.82 -17.09
C VAL A 294 12.20 -8.21 -16.47
N GLN A 295 11.07 -8.45 -15.81
CA GLN A 295 10.78 -9.79 -15.26
C GLN A 295 9.30 -9.91 -14.91
N LYS A 296 8.77 -11.12 -15.04
CA LYS A 296 7.44 -11.52 -14.52
C LYS A 296 7.63 -12.72 -13.61
N LEU A 297 7.08 -12.68 -12.41
CA LEU A 297 7.23 -13.76 -11.40
C LEU A 297 5.96 -14.62 -11.38
N GLN A 298 6.08 -15.91 -11.71
CA GLN A 298 4.94 -16.85 -11.79
C GLN A 298 4.93 -17.78 -10.57
N GLY A 299 3.75 -18.10 -10.04
CA GLY A 299 3.62 -19.07 -8.94
C GLY A 299 2.32 -18.92 -8.20
N HIS A 300 1.81 -17.71 -8.07
CA HIS A 300 0.52 -17.54 -7.37
C HIS A 300 -0.64 -18.13 -8.19
N THR A 301 -1.72 -18.52 -7.53
CA THR A 301 -2.88 -19.21 -8.16
C THR A 301 -4.08 -18.28 -8.23
N ASP A 302 -3.91 -17.04 -7.78
CA ASP A 302 -4.95 -16.00 -7.85
C ASP A 302 -4.27 -14.64 -8.01
N VAL A 303 -5.09 -13.61 -8.15
CA VAL A 303 -4.66 -12.21 -8.33
C VAL A 303 -3.60 -11.88 -7.29
N VAL A 304 -2.51 -11.25 -7.72
CA VAL A 304 -1.49 -10.69 -6.79
C VAL A 304 -1.91 -9.26 -6.45
N ILE A 305 -2.43 -9.08 -5.23
CA ILE A 305 -3.06 -7.81 -4.77
C ILE A 305 -2.00 -6.88 -4.22
N SER A 306 -0.93 -7.42 -3.66
CA SER A 306 0.04 -6.63 -2.90
C SER A 306 1.45 -7.16 -3.14
N THR A 307 2.38 -6.23 -3.24
CA THR A 307 3.84 -6.50 -3.30
C THR A 307 4.51 -5.50 -2.37
N ALA A 308 5.68 -5.86 -1.89
CA ALA A 308 6.51 -4.98 -1.05
C ALA A 308 7.97 -5.28 -1.37
N CYS A 309 8.82 -4.26 -1.27
CA CYS A 309 10.27 -4.39 -1.55
C CYS A 309 11.06 -4.16 -0.26
N HIS A 310 11.98 -5.07 0.04
CA HIS A 310 12.78 -5.05 1.30
C HIS A 310 13.65 -3.80 1.28
N PRO A 311 13.85 -3.11 2.42
CA PRO A 311 14.61 -1.86 2.42
C PRO A 311 16.10 -1.97 2.12
N THR A 312 16.73 -3.14 2.30
CA THR A 312 18.21 -3.26 2.11
C THR A 312 18.61 -4.43 1.21
N GLU A 313 17.85 -5.52 1.16
CA GLU A 313 18.15 -6.70 0.32
C GLU A 313 17.21 -6.68 -0.88
N ASN A 314 17.64 -7.33 -1.97
CA ASN A 314 16.79 -7.47 -3.18
C ASN A 314 15.79 -8.59 -2.93
N ILE A 315 14.74 -8.27 -2.16
CA ILE A 315 13.70 -9.24 -1.74
C ILE A 315 12.35 -8.60 -2.04
N ILE A 316 11.51 -9.32 -2.76
CA ILE A 316 10.10 -8.91 -3.00
C ILE A 316 9.22 -9.84 -2.20
N ALA A 317 8.21 -9.30 -1.53
CA ALA A 317 7.09 -10.09 -0.96
C ALA A 317 5.88 -9.87 -1.85
N SER A 318 5.15 -10.93 -2.18
CA SER A 318 3.90 -10.83 -2.96
C SER A 318 2.80 -11.57 -2.21
N ALA A 319 1.56 -11.13 -2.37
CA ALA A 319 0.40 -11.75 -1.69
C ALA A 319 -0.80 -11.82 -2.64
N ALA A 320 -1.57 -12.89 -2.50
CA ALA A 320 -2.64 -13.23 -3.47
C ALA A 320 -4.00 -13.44 -2.80
N LEU A 321 -5.03 -13.39 -3.64
CA LEU A 321 -6.45 -13.37 -3.22
C LEU A 321 -6.97 -14.78 -2.88
N GLU A 322 -8.30 -14.90 -2.74
CA GLU A 322 -8.98 -15.97 -1.96
C GLU A 322 -8.62 -17.38 -2.43
N ASN A 323 -8.38 -17.59 -3.73
CA ASN A 323 -8.11 -18.96 -4.26
C ASN A 323 -6.68 -19.38 -3.96
N ASP A 324 -5.83 -18.48 -3.43
CA ASP A 324 -4.38 -18.72 -3.17
C ASP A 324 -4.10 -18.62 -1.67
N LYS A 325 -4.28 -17.44 -1.08
CA LYS A 325 -4.17 -17.18 0.38
C LYS A 325 -2.71 -17.20 0.83
N THR A 326 -1.72 -17.22 -0.07
CA THR A 326 -0.31 -17.28 0.36
C THR A 326 0.43 -15.98 0.06
N ILE A 327 1.55 -15.86 0.74
CA ILE A 327 2.58 -14.80 0.55
C ILE A 327 3.82 -15.51 0.01
N LYS A 328 4.47 -14.91 -0.98
CA LYS A 328 5.73 -15.48 -1.51
C LYS A 328 6.87 -14.48 -1.34
N LEU A 329 8.03 -15.00 -0.99
CA LEU A 329 9.27 -14.19 -0.89
C LEU A 329 10.19 -14.60 -2.02
N TRP A 330 10.61 -13.61 -2.79
CA TRP A 330 11.44 -13.77 -4.01
C TRP A 330 12.75 -13.04 -3.76
N LYS A 331 13.87 -13.56 -4.23
CA LYS A 331 15.18 -12.89 -4.02
C LYS A 331 15.96 -12.84 -5.33
N SER A 332 16.66 -11.73 -5.53
CA SER A 332 17.47 -11.44 -6.74
C SER A 332 18.91 -11.10 -6.36
N ASP A 333 19.85 -11.38 -7.25
CA ASP A 333 21.28 -10.99 -7.09
C ASP A 333 21.48 -9.50 -7.39
N CYS A 334 20.50 -8.82 -8.00
CA CYS A 334 20.61 -7.40 -8.43
C CYS A 334 19.23 -6.74 -8.54
N ALA B 1 -13.67 -5.72 2.06
CA ALA B 1 -12.24 -5.35 2.14
C ALA B 1 -11.67 -5.37 0.73
N ARG B 2 -10.45 -4.88 0.60
CA ARG B 2 -9.65 -4.77 -0.65
C ARG B 2 -9.74 -6.06 -1.47
N THR B 3 -9.81 -7.20 -0.78
CA THR B 3 -9.70 -8.54 -1.40
C THR B 3 -10.94 -8.91 -2.20
N LYS B 4 -12.03 -8.17 -2.07
CA LYS B 4 -13.19 -8.42 -2.98
C LYS B 4 -13.70 -7.11 -3.56
N GLU B 5 -13.26 -6.00 -2.95
CA GLU B 5 -13.74 -4.67 -3.27
C GLU B 5 -13.44 -4.24 -4.70
N THR B 6 -14.52 -3.87 -5.41
CA THR B 6 -14.41 -3.30 -6.74
C THR B 6 -15.09 -1.93 -6.71
N ALA B 7 -15.04 -1.21 -7.84
CA ALA B 7 -15.55 0.17 -7.98
C ALA B 7 -17.02 0.16 -8.43
C1 GOL C . -14.53 11.21 16.10
O1 GOL C . -13.18 10.84 15.78
C2 GOL C . -14.91 12.46 15.34
O2 GOL C . -13.97 13.51 15.57
C3 GOL C . -15.04 12.19 13.85
O3 GOL C . -15.04 13.38 13.07
C1 EDO D . 3.24 -2.75 -0.11
O1 EDO D . 3.17 -1.52 -0.78
C2 EDO D . 2.13 -3.68 -0.38
O2 EDO D . 1.08 -3.66 0.58
OH SRO E . -20.52 1.43 0.81
CZ3 SRO E . -19.95 1.64 -0.42
CH2 SRO E . -19.75 2.96 -0.85
CZ2 SRO E . -19.17 3.25 -2.10
CE2 SRO E . -18.76 2.21 -2.95
NE1 SRO E . -18.18 2.14 -4.18
CD1 SRO E . -17.99 0.84 -4.56
CG SRO E . -18.44 -0.04 -3.57
CD2 SRO E . -18.98 0.82 -2.48
CE3 SRO E . -19.56 0.56 -1.22
CB SRO E . -18.43 -1.55 -3.61
CA SRO E . -17.61 -2.17 -2.48
NZ SRO E . -16.18 -2.14 -2.78
#